data_7TY1
#
_entry.id   7TY1
#
_cell.length_a   37.330
_cell.length_b   39.270
_cell.length_c   76.020
_cell.angle_alpha   90.000
_cell.angle_beta   90.000
_cell.angle_gamma   90.000
#
_symmetry.space_group_name_H-M   'P 21 21 21'
#
loop_
_entity.id
_entity.type
_entity.pdbx_description
1 polymer 'Eosinophil cationic protein'
2 non-polymer GLYCEROL
3 non-polymer 'CITRIC ACID'
4 non-polymer DI(HYDROXYETHYL)ETHER
5 water water
#
_entity_poly.entity_id   1
_entity_poly.type   'polypeptide(L)'
_entity_poly.pdbx_seq_one_letter_code
;MRPPQFTKAQWFAIQHINVNPPRCTIAMRVINNYQRRCKNQNTFLRTTFAYTANVCRNERIRCPRNRTLHNCHRSRYRVP
LLHCDLINPGAQNISTCRYADRPGRRFYVVACESRDPRDSPRYPVVPVHLDTTI
;
_entity_poly.pdbx_strand_id   A
#
loop_
_chem_comp.id
_chem_comp.type
_chem_comp.name
_chem_comp.formula
CIT non-polymer 'CITRIC ACID' 'C6 H8 O7'
GOL non-polymer GLYCEROL 'C3 H8 O3'
PEG non-polymer DI(HYDROXYETHYL)ETHER 'C4 H10 O3'
#
# COMPACT_ATOMS: atom_id res chain seq x y z
N MET A 1 -3.37 -8.37 10.62
CA MET A 1 -4.65 -8.69 9.93
C MET A 1 -5.31 -7.36 9.55
N ARG A 2 -6.14 -7.31 8.50
CA ARG A 2 -6.87 -6.08 8.19
C ARG A 2 -7.90 -5.79 9.28
N PRO A 3 -7.93 -4.58 9.83
CA PRO A 3 -8.96 -4.20 10.79
C PRO A 3 -10.34 -4.26 10.15
N PRO A 4 -11.34 -4.79 10.85
CA PRO A 4 -12.64 -4.99 10.18
C PRO A 4 -13.30 -3.72 9.73
N GLN A 5 -12.96 -2.56 10.32
CA GLN A 5 -13.64 -1.32 9.96
C GLN A 5 -13.23 -0.85 8.57
N PHE A 6 -12.22 -1.48 7.97
CA PHE A 6 -11.69 -1.07 6.68
C PHE A 6 -11.99 -2.12 5.62
N THR A 7 -12.47 -1.66 4.46
CA THR A 7 -12.46 -2.53 3.30
C THR A 7 -11.02 -2.86 2.93
N LYS A 8 -10.87 -3.84 2.03
CA LYS A 8 -9.55 -4.15 1.49
C LYS A 8 -8.92 -2.92 0.85
N ALA A 9 -9.73 -2.17 0.10
CA ALA A 9 -9.24 -0.97 -0.58
C ALA A 9 -8.90 0.12 0.42
N GLN A 10 -9.71 0.27 1.46
CA GLN A 10 -9.39 1.25 2.49
C GLN A 10 -8.13 0.88 3.26
N TRP A 11 -7.93 -0.41 3.52
CA TRP A 11 -6.70 -0.85 4.16
C TRP A 11 -5.51 -0.64 3.23
N PHE A 12 -5.69 -0.90 1.93
CA PHE A 12 -4.68 -0.57 0.95
C PHE A 12 -4.33 0.90 1.02
N ALA A 13 -5.34 1.76 1.17
CA ALA A 13 -5.08 3.20 1.20
C ALA A 13 -4.35 3.61 2.47
N ILE A 14 -4.75 3.06 3.64
CA ILE A 14 -4.00 3.31 4.88
C ILE A 14 -2.54 2.96 4.70
N GLN A 15 -2.28 1.80 4.11
CA GLN A 15 -0.92 1.31 3.99
C GLN A 15 -0.12 1.95 2.87
N HIS A 16 -0.76 2.34 1.77
CA HIS A 16 0.01 2.64 0.57
C HIS A 16 -0.33 3.95 -0.12
N ILE A 17 -1.26 4.74 0.40
CA ILE A 17 -1.67 5.98 -0.24
C ILE A 17 -1.47 7.10 0.77
N ASN A 18 -0.50 7.97 0.52
CA ASN A 18 -0.35 9.17 1.34
C ASN A 18 0.47 10.17 0.54
N VAL A 19 -0.15 11.28 0.16
CA VAL A 19 0.58 12.28 -0.60
C VAL A 19 1.63 12.95 0.28
N ASN A 20 1.34 13.12 1.57
CA ASN A 20 2.29 13.75 2.50
C ASN A 20 2.44 12.87 3.73
N PRO A 21 3.17 11.76 3.62
CA PRO A 21 3.37 10.89 4.76
C PRO A 21 4.41 11.48 5.70
N PRO A 22 4.27 11.29 7.01
CA PRO A 22 5.35 11.63 7.92
C PRO A 22 6.53 10.68 7.73
N ARG A 23 7.63 11.00 8.40
CA ARG A 23 8.84 10.14 8.44
C ARG A 23 8.39 8.70 8.73
N CYS A 24 9.02 7.72 8.10
CA CYS A 24 8.63 6.31 8.16
C CYS A 24 8.38 5.84 9.58
N THR A 25 9.26 6.18 10.51
CA THR A 25 9.08 5.72 11.89
C THR A 25 7.74 6.16 12.45
N ILE A 26 7.26 7.34 12.04
CA ILE A 26 5.96 7.83 12.49
C ILE A 26 4.86 7.26 11.62
N ALA A 27 5.05 7.34 10.31
CA ALA A 27 4.05 6.90 9.35
C ALA A 27 3.66 5.45 9.58
N MET A 28 4.61 4.64 10.02
CA MET A 28 4.39 3.21 10.16
C MET A 28 3.59 2.88 11.42
N ARG A 29 3.52 3.80 12.40
CA ARG A 29 2.80 3.50 13.64
C ARG A 29 1.32 3.25 13.39
N VAL A 30 0.66 4.04 12.50
CA VAL A 30 -0.77 3.81 12.26
C VAL A 30 -1.00 2.38 11.78
N ILE A 31 -0.25 1.93 10.71
CA ILE A 31 -0.31 0.55 10.25
C ILE A 31 -0.01 -0.41 11.37
N ASN A 32 1.14 -0.22 12.05
CA ASN A 32 1.61 -1.20 13.00
C ASN A 32 0.72 -1.29 14.23
N ASN A 33 0.09 -0.19 14.61
CA ASN A 33 -0.74 -0.19 15.83
C ASN A 33 -1.91 -1.14 15.74
N TYR A 34 -2.31 -1.52 14.53
CA TYR A 34 -3.47 -2.36 14.34
C TYR A 34 -3.13 -3.84 14.48
N GLN A 35 -1.96 -4.26 14.01
CA GLN A 35 -1.68 -5.69 13.92
C GLN A 35 -0.84 -6.20 15.08
N ARG A 36 -0.36 -5.31 15.93
CA ARG A 36 0.58 -5.65 16.98
C ARG A 36 1.76 -6.41 16.39
N ARG A 37 2.16 -5.97 15.20
CA ARG A 37 3.44 -6.39 14.66
C ARG A 37 3.95 -5.24 13.84
N CYS A 38 5.25 -5.07 13.83
CA CYS A 38 5.85 -4.06 12.97
C CYS A 38 6.07 -4.68 11.61
N LYS A 39 5.44 -4.09 10.61
CA LYS A 39 5.64 -4.55 9.24
C LYS A 39 7.09 -4.42 8.87
N ASN A 40 7.63 -5.47 8.22
CA ASN A 40 9.04 -5.44 7.85
C ASN A 40 9.35 -4.36 6.82
N GLN A 41 8.50 -4.26 5.81
CA GLN A 41 8.74 -3.33 4.69
C GLN A 41 7.41 -2.73 4.25
N ASN A 42 7.39 -1.47 3.85
CA ASN A 42 6.13 -0.89 3.38
C ASN A 42 6.41 0.32 2.49
N THR A 43 5.52 0.56 1.52
CA THR A 43 5.69 1.65 0.57
C THR A 43 4.46 2.54 0.53
N PHE A 44 4.66 3.85 0.73
CA PHE A 44 3.60 4.84 0.61
C PHE A 44 3.73 5.51 -0.75
N LEU A 45 2.72 5.32 -1.61
CA LEU A 45 2.66 6.03 -2.89
C LEU A 45 2.17 7.44 -2.65
N ARG A 46 2.92 8.43 -3.15
CA ARG A 46 2.61 9.83 -2.84
C ARG A 46 1.66 10.39 -3.89
N THR A 47 0.48 9.78 -3.95
CA THR A 47 -0.56 10.13 -4.89
C THR A 47 -1.89 9.97 -4.17
N THR A 48 -2.99 10.18 -4.88
CA THR A 48 -4.31 9.97 -4.27
C THR A 48 -4.95 8.69 -4.79
N PHE A 49 -5.96 8.23 -4.05
CA PHE A 49 -6.55 6.92 -4.30
C PHE A 49 -7.13 6.82 -5.71
N ALA A 50 -7.73 7.89 -6.22
CA ALA A 50 -8.37 7.82 -7.53
C ALA A 50 -7.37 7.49 -8.63
N TYR A 51 -6.14 7.98 -8.51
CA TYR A 51 -5.14 7.66 -9.52
C TYR A 51 -4.79 6.18 -9.49
N THR A 52 -4.73 5.58 -8.30
CA THR A 52 -4.39 4.16 -8.24
C THR A 52 -5.54 3.30 -8.71
N ALA A 53 -6.77 3.71 -8.42
CA ALA A 53 -7.92 3.00 -8.96
C ALA A 53 -7.91 3.02 -10.48
N ASN A 54 -7.43 4.12 -11.06
CA ASN A 54 -7.32 4.22 -12.51
C ASN A 54 -6.43 3.11 -13.07
N VAL A 55 -5.32 2.84 -12.39
CA VAL A 55 -4.41 1.79 -12.83
C VAL A 55 -5.12 0.46 -13.03
N CYS A 56 -6.23 0.22 -12.30
CA CYS A 56 -6.95 -1.04 -12.41
C CYS A 56 -7.53 -1.30 -13.79
N ARG A 57 -7.65 -0.27 -14.62
CA ARG A 57 -8.20 -0.49 -15.95
C ARG A 57 -7.13 -0.87 -16.96
N ASN A 58 -5.85 -0.76 -16.60
CA ASN A 58 -4.77 -1.17 -17.50
C ASN A 58 -4.77 -2.68 -17.68
N GLU A 59 -3.94 -3.14 -18.61
CA GLU A 59 -3.86 -4.55 -18.97
C GLU A 59 -3.78 -5.42 -17.74
N ARG A 60 -4.62 -6.44 -17.69
CA ARG A 60 -4.60 -7.38 -16.60
C ARG A 60 -3.42 -8.33 -16.77
N ILE A 61 -2.64 -8.48 -15.70
CA ILE A 61 -1.41 -9.28 -15.74
C ILE A 61 -1.28 -10.06 -14.44
N ARG A 62 -0.50 -11.13 -14.51
CA ARG A 62 -0.12 -11.83 -13.28
C ARG A 62 0.67 -10.90 -12.39
N CYS A 63 0.43 -11.00 -11.08
CA CYS A 63 1.15 -10.17 -10.14
C CYS A 63 2.61 -10.60 -10.16
N PRO A 64 3.54 -9.71 -10.54
CA PRO A 64 4.94 -10.15 -10.70
C PRO A 64 5.59 -10.67 -9.44
N ARG A 65 5.22 -10.14 -8.27
CA ARG A 65 5.77 -10.61 -7.00
C ARG A 65 4.90 -11.75 -6.46
N ASN A 66 3.68 -11.41 -6.04
CA ASN A 66 2.77 -12.37 -5.41
C ASN A 66 2.08 -13.15 -6.52
N ARG A 67 2.79 -14.12 -7.08
CA ARG A 67 2.33 -14.76 -8.32
C ARG A 67 1.12 -15.68 -8.15
N THR A 68 0.48 -15.77 -6.98
CA THR A 68 -0.78 -16.51 -6.87
C THR A 68 -1.97 -15.69 -7.35
N LEU A 69 -1.80 -14.39 -7.57
CA LEU A 69 -2.88 -13.50 -7.97
C LEU A 69 -2.78 -13.16 -9.45
N HIS A 70 -3.95 -13.04 -10.09
CA HIS A 70 -4.03 -12.80 -11.54
C HIS A 70 -4.58 -11.42 -11.86
N ASN A 71 -4.99 -10.66 -10.86
CA ASN A 71 -5.73 -9.42 -11.02
C ASN A 71 -4.85 -8.18 -10.89
N CYS A 72 -3.58 -8.27 -11.26
CA CYS A 72 -2.72 -7.08 -11.18
C CYS A 72 -2.70 -6.25 -12.45
N HIS A 73 -2.29 -5.00 -12.23
CA HIS A 73 -2.23 -3.99 -13.26
C HIS A 73 -1.03 -3.09 -12.96
N ARG A 74 -0.24 -2.81 -13.99
CA ARG A 74 0.92 -1.95 -13.86
C ARG A 74 0.57 -0.52 -14.19
N SER A 75 1.10 0.41 -13.41
CA SER A 75 0.91 1.82 -13.70
C SER A 75 1.65 2.18 -14.99
N ARG A 76 1.14 3.18 -15.69
CA ARG A 76 1.82 3.68 -16.88
C ARG A 76 2.74 4.86 -16.59
N TYR A 77 2.82 5.30 -15.32
CA TYR A 77 3.59 6.47 -14.95
C TYR A 77 4.36 6.21 -13.67
N ARG A 78 5.39 7.04 -13.47
CA ARG A 78 6.12 7.07 -12.20
C ARG A 78 5.34 7.90 -11.20
N VAL A 79 5.33 7.45 -9.95
CA VAL A 79 4.78 8.28 -8.88
C VAL A 79 5.87 8.47 -7.84
N PRO A 80 5.92 9.61 -7.16
CA PRO A 80 6.82 9.73 -6.00
C PRO A 80 6.30 8.85 -4.88
N LEU A 81 7.22 8.35 -4.05
CA LEU A 81 6.84 7.42 -3.00
C LEU A 81 7.80 7.51 -1.84
N LEU A 82 7.43 6.87 -0.74
CA LEU A 82 8.29 6.77 0.43
C LEU A 82 8.29 5.31 0.85
N HIS A 83 9.45 4.68 0.78
CA HIS A 83 9.60 3.29 1.16
C HIS A 83 10.21 3.19 2.56
N CYS A 84 9.74 2.23 3.34
CA CYS A 84 10.11 2.11 4.74
C CYS A 84 10.59 0.69 5.02
N ASP A 85 11.80 0.57 5.60
CA ASP A 85 12.40 -0.72 5.97
C ASP A 85 12.55 -0.79 7.48
N LEU A 86 12.04 -1.86 8.10
CA LEU A 86 12.22 -2.04 9.54
C LEU A 86 13.69 -2.29 9.89
N ILE A 87 14.23 -1.48 10.81
CA ILE A 87 15.65 -1.54 11.16
C ILE A 87 15.89 -2.54 12.28
N ASN A 88 14.96 -2.60 13.22
CA ASN A 88 15.20 -3.27 14.50
C ASN A 88 14.11 -4.30 14.78
N PRO A 89 14.08 -5.38 14.01
CA PRO A 89 13.23 -6.51 14.38
C PRO A 89 13.67 -7.06 15.73
N GLY A 90 12.70 -7.37 16.58
CA GLY A 90 13.00 -7.63 17.96
C GLY A 90 12.76 -6.44 18.86
N ALA A 91 12.36 -5.30 18.30
CA ALA A 91 11.93 -4.18 19.13
C ALA A 91 10.94 -4.68 20.17
N GLN A 92 11.14 -4.25 21.42
CA GLN A 92 10.31 -4.76 22.50
C GLN A 92 8.85 -4.32 22.36
N ASN A 93 8.60 -3.13 21.82
CA ASN A 93 7.25 -2.60 21.69
C ASN A 93 7.02 -2.04 20.30
N ILE A 94 5.75 -2.02 19.87
CA ILE A 94 5.42 -1.50 18.54
C ILE A 94 5.93 -0.07 18.38
N SER A 95 5.74 0.75 19.42
CA SER A 95 6.15 2.15 19.36
C SER A 95 7.65 2.34 19.26
N THR A 96 8.45 1.30 19.47
CA THR A 96 9.88 1.42 19.34
C THR A 96 10.43 0.80 18.06
N CYS A 97 9.57 0.31 17.16
CA CYS A 97 10.09 -0.01 15.85
C CYS A 97 10.55 1.25 15.14
N ARG A 98 11.70 1.14 14.48
CA ARG A 98 12.29 2.25 13.76
C ARG A 98 12.50 1.82 12.31
N TYR A 99 12.35 2.77 11.41
CA TYR A 99 12.40 2.50 9.98
C TYR A 99 13.42 3.40 9.31
N ALA A 100 14.09 2.87 8.30
CA ALA A 100 14.88 3.69 7.40
C ALA A 100 13.97 4.22 6.29
N ASP A 101 14.06 5.53 6.02
CA ASP A 101 13.26 6.17 4.97
C ASP A 101 13.99 6.15 3.63
N ARG A 102 13.32 5.66 2.59
CA ARG A 102 13.91 5.61 1.25
C ARG A 102 12.90 6.21 0.26
N PRO A 103 12.99 7.52 0.03
CA PRO A 103 12.14 8.15 -0.97
C PRO A 103 12.52 7.66 -2.37
N GLY A 104 11.61 7.81 -3.30
CA GLY A 104 11.84 7.35 -4.68
C GLY A 104 10.72 7.80 -5.57
N ARG A 105 10.86 7.55 -6.86
CA ARG A 105 9.87 7.96 -7.85
C ARG A 105 9.83 6.77 -8.79
N ARG A 106 8.79 5.94 -8.75
CA ARG A 106 8.77 4.69 -9.53
C ARG A 106 7.40 4.38 -10.16
N PHE A 107 7.38 3.45 -11.11
CA PHE A 107 6.17 2.78 -11.52
C PHE A 107 5.75 1.83 -10.40
N TYR A 108 4.48 1.45 -10.39
CA TYR A 108 3.99 0.50 -9.38
C TYR A 108 2.97 -0.45 -9.99
N VAL A 109 2.70 -1.48 -9.26
CA VAL A 109 1.81 -2.55 -9.68
C VAL A 109 0.81 -2.82 -8.56
N VAL A 110 -0.48 -2.93 -8.90
CA VAL A 110 -1.54 -3.18 -7.92
C VAL A 110 -2.43 -4.34 -8.36
N ALA A 111 -2.94 -5.07 -7.37
CA ALA A 111 -4.02 -6.03 -7.62
C ALA A 111 -5.34 -5.35 -7.30
N CYS A 112 -6.37 -5.66 -8.10
CA CYS A 112 -7.65 -4.97 -8.01
C CYS A 112 -8.80 -5.96 -7.89
N GLU A 113 -9.91 -5.44 -7.38
CA GLU A 113 -11.12 -6.22 -7.17
C GLU A 113 -12.30 -5.32 -7.42
N SER A 114 -13.46 -5.93 -7.66
CA SER A 114 -14.68 -5.16 -7.57
C SER A 114 -14.82 -4.62 -6.16
N ARG A 115 -15.38 -3.44 -6.07
CA ARG A 115 -15.39 -2.74 -4.79
C ARG A 115 -16.26 -3.45 -3.74
N ASP A 116 -15.88 -3.33 -2.48
CA ASP A 116 -16.73 -3.69 -1.34
C ASP A 116 -17.98 -2.80 -1.33
N PRO A 117 -19.13 -3.34 -0.90
CA PRO A 117 -20.30 -2.47 -0.69
C PRO A 117 -20.03 -1.23 0.13
N ARG A 118 -19.02 -1.24 1.00
CA ARG A 118 -18.67 -0.09 1.84
C ARG A 118 -17.73 0.87 1.16
N ASP A 119 -17.19 0.50 0.00
CA ASP A 119 -16.33 1.40 -0.76
C ASP A 119 -17.17 2.46 -1.48
N SER A 120 -16.53 3.59 -1.77
CA SER A 120 -17.22 4.63 -2.51
C SER A 120 -17.73 4.10 -3.86
N PRO A 121 -18.97 4.40 -4.25
CA PRO A 121 -19.43 3.98 -5.58
C PRO A 121 -18.70 4.67 -6.71
N ARG A 122 -17.83 5.65 -6.40
CA ARG A 122 -17.00 6.29 -7.42
C ARG A 122 -16.05 5.31 -8.08
N TYR A 123 -15.76 4.18 -7.45
CA TYR A 123 -14.75 3.25 -7.93
C TYR A 123 -15.35 1.86 -8.04
N PRO A 124 -15.92 1.51 -9.19
CA PRO A 124 -16.43 0.14 -9.35
C PRO A 124 -15.38 -0.91 -9.12
N VAL A 125 -14.14 -0.62 -9.45
CA VAL A 125 -13.01 -1.50 -9.19
C VAL A 125 -11.99 -0.72 -8.38
N VAL A 126 -11.41 -1.38 -7.38
CA VAL A 126 -10.49 -0.73 -6.45
C VAL A 126 -9.18 -1.51 -6.34
N PRO A 127 -8.09 -0.82 -6.08
CA PRO A 127 -6.86 -1.51 -5.67
C PRO A 127 -6.98 -2.06 -4.25
N VAL A 128 -6.49 -3.28 -4.07
CA VAL A 128 -6.54 -3.96 -2.77
C VAL A 128 -5.17 -4.45 -2.33
N HIS A 129 -4.12 -4.25 -3.13
CA HIS A 129 -2.82 -4.80 -2.78
C HIS A 129 -1.75 -4.11 -3.61
N LEU A 130 -0.69 -3.68 -2.96
CA LEU A 130 0.48 -3.12 -3.62
C LEU A 130 1.43 -4.27 -3.88
N ASP A 131 1.61 -4.63 -5.15
CA ASP A 131 2.41 -5.81 -5.45
C ASP A 131 3.89 -5.48 -5.48
N THR A 132 4.21 -4.36 -6.12
CA THR A 132 5.61 -4.02 -6.24
C THR A 132 5.76 -2.65 -6.89
N THR A 133 7.02 -2.12 -6.75
CA THR A 133 7.41 -0.88 -7.40
C THR A 133 8.67 -1.14 -8.20
N ILE A 134 8.93 -0.29 -9.19
CA ILE A 134 10.05 -0.53 -10.10
C ILE A 134 10.48 0.73 -10.85
C1 GOL B . 2.68 -2.20 21.95
O1 GOL B . 3.81 -3.02 21.72
C2 GOL B . 3.00 -0.91 22.66
O2 GOL B . 3.99 -0.14 21.95
C3 GOL B . 1.75 -0.09 22.89
O3 GOL B . 1.56 0.90 21.89
H11 GOL B . 2.25 -1.98 21.08
H12 GOL B . 2.02 -2.70 22.49
HO1 GOL B . 3.54 -3.81 21.58
H2 GOL B . 3.37 -1.14 23.54
HO2 GOL B . 3.65 0.61 21.77
H31 GOL B . 1.81 0.35 23.77
H32 GOL B . 0.97 -0.69 22.90
HO3 GOL B . 0.81 1.26 22.01
C1 CIT C . -0.76 7.42 -10.74
O1 CIT C . -0.38 8.60 -10.93
O2 CIT C . -0.97 7.04 -9.57
C2 CIT C . -0.95 6.46 -11.89
C3 CIT C . -2.09 6.88 -12.84
O7 CIT C . -3.25 7.29 -12.07
C4 CIT C . -2.53 5.75 -13.76
C5 CIT C . -1.42 5.14 -14.58
O3 CIT C . -0.21 5.41 -14.42
O4 CIT C . -1.70 4.33 -15.47
C6 CIT C . -1.73 8.08 -13.70
O5 CIT C . -0.56 8.49 -13.72
O6 CIT C . -2.62 8.64 -14.39
H21 CIT C . -1.15 5.47 -11.51
H22 CIT C . -0.01 6.42 -12.45
HO7 CIT C . -3.71 8.01 -12.55
H41 CIT C . -3.28 6.15 -14.45
H42 CIT C . -3.03 4.97 -13.19
C1 CIT D . -10.08 -14.72 2.33
O1 CIT D . -11.02 -14.47 3.12
O2 CIT D . -9.94 -15.82 1.75
C2 CIT D . -9.06 -13.64 2.06
C3 CIT D . -9.54 -12.20 2.34
O7 CIT D . -9.76 -12.03 3.73
C4 CIT D . -8.46 -11.22 1.87
C5 CIT D . -8.30 -9.98 2.73
O3 CIT D . -7.21 -9.37 2.67
O4 CIT D . -9.26 -9.63 3.44
C6 CIT D . -10.85 -11.94 1.54
O5 CIT D . -10.78 -11.93 0.30
O6 CIT D . -11.90 -11.76 2.20
H21 CIT D . -8.74 -13.70 1.03
H22 CIT D . -8.18 -13.83 2.69
HO7 CIT D . -10.70 -11.79 3.88
H41 CIT D . -8.69 -10.91 0.85
H42 CIT D . -7.51 -11.75 1.84
C1 PEG E . -2.25 3.96 -24.78
O1 PEG E . -3.37 4.32 -25.46
C2 PEG E . -2.51 2.78 -23.93
O2 PEG E . -1.84 2.94 -22.69
C3 PEG E . -0.62 2.21 -22.61
C4 PEG E . 0.50 3.06 -23.05
O4 PEG E . 0.38 3.43 -24.38
H11 PEG E . -1.96 4.70 -24.23
H12 PEG E . -1.56 3.74 -25.42
HO1 PEG E . -3.65 3.73 -26.01
H21 PEG E . -2.20 1.98 -24.39
H22 PEG E . -3.46 2.71 -23.77
H31 PEG E . -0.47 1.95 -21.69
H32 PEG E . -0.66 1.41 -23.15
H41 PEG E . 0.52 3.85 -22.50
H42 PEG E . 1.32 2.57 -22.93
HO4 PEG E . 1.09 3.36 -24.83
C1 GOL F . 7.44 -2.43 -2.34
O1 GOL F . 7.38 -1.46 -3.37
C2 GOL F . 6.08 -2.55 -1.68
O2 GOL F . 5.61 -3.84 -2.01
C3 GOL F . 6.08 -2.22 -0.19
O3 GOL F . 4.77 -2.18 0.38
H11 GOL F . 8.09 -2.19 -1.66
H12 GOL F . 7.72 -3.20 -2.66
HO1 GOL F . 8.06 -0.97 -3.27
H2 GOL F . 5.47 -1.94 -2.13
HO2 GOL F . 5.73 -4.34 -1.32
H31 GOL F . 6.57 -1.46 -0.03
H32 GOL F . 6.61 -2.91 0.25
HO3 GOL F . 4.79 -2.67 1.07
C1 CIT G . 18.90 -6.55 18.39
O1 CIT G . 19.68 -5.58 18.51
O2 CIT G . 19.12 -7.53 17.66
C2 CIT G . 17.60 -6.53 19.19
C3 CIT G . 16.63 -5.40 18.83
O7 CIT G . 15.31 -5.91 18.86
C4 CIT G . 16.77 -4.28 19.86
C5 CIT G . 15.99 -3.00 19.53
O3 CIT G . 16.39 -1.93 20.00
O4 CIT G . 14.97 -3.12 18.82
C6 CIT G . 16.95 -4.87 17.41
O5 CIT G . 17.80 -4.05 17.29
O6 CIT G . 16.39 -5.26 16.55
H21 CIT G . 17.83 -6.45 20.14
H22 CIT G . 17.16 -7.39 19.07
HO7 CIT G . 15.23 -6.46 19.52
H41 CIT G . 17.72 -4.04 19.93
H42 CIT G . 16.47 -4.61 20.73
C1 CIT H . 16.94 6.49 12.61
O1 CIT H . 17.84 7.26 12.35
O2 CIT H . 16.98 5.62 13.46
C2 CIT H . 15.69 6.61 11.78
C3 CIT H . 14.69 7.40 12.62
O7 CIT H . 15.21 8.12 13.71
C4 CIT H . 14.19 8.49 11.73
C5 CIT H . 15.29 9.32 11.16
O3 CIT H . 16.31 9.37 11.80
O4 CIT H . 15.04 10.13 10.30
C6 CIT H . 13.69 6.40 13.23
O5 CIT H . 14.06 5.25 13.30
O6 CIT H . 12.71 6.88 13.69
H21 CIT H . 15.33 5.71 11.62
H22 CIT H . 15.88 7.01 10.92
HO7 CIT H . 14.69 8.01 14.39
H41 CIT H . 13.68 8.10 10.99
H42 CIT H . 13.59 9.07 12.24
#